data_1M2N
#
_entry.id   1M2N
#
_cell.length_a   84.720
_cell.length_b   84.720
_cell.length_c   193.087
_cell.angle_alpha   90.00
_cell.angle_beta   90.00
_cell.angle_gamma   120.00
#
_symmetry.space_group_name_H-M   'P 31 2 1'
#
loop_
_entity.id
_entity.type
_entity.pdbx_description
1 polymer 'Silent Information Regulator 2'
2 non-polymer 'ZINC ION'
3 non-polymer "2'-O-ACETYL ADENOSINE-5-DIPHOSPHORIBOSE"
4 water water
#
_entity_poly.entity_id   1
_entity_poly.type   'polypeptide(L)'
_entity_poly.pdbx_seq_one_letter_code
;MDEKLLKTIAESKYLVALTGAGVSAESGIPTFRGKDGLWNRYRPEELANPQAFAKDPEKVWKWYAWRMEKVFNAQPNKAH
QAFAELERLGVLKCLITQNVDGLHERAGSRNVIHLHGSLRVVRCTSCNNSFEVESAPKIPPLPKCDKCGSLLRPGVVWAG
EMLPPDVLDAAMREVERADVIIVAGTSAVVQPAASLPLIVKQRGGAIIEINPDETPLTPIADYSLRGKAGEVMDELVRHV
RKALSLKLN
;
_entity_poly.pdbx_strand_id   A,B
#
loop_
_chem_comp.id
_chem_comp.type
_chem_comp.name
_chem_comp.formula
OAD RNA linking '2'-O-ACETYL ADENOSINE-5-DIPHOSPHORIBOSE' 'C17 H25 N5 O15 P2'
ZN non-polymer 'ZINC ION' 'Zn 2'
#
# COMPACT_ATOMS: atom_id res chain seq x y z
N MET A 1 -1.21 22.75 7.43
CA MET A 1 0.05 21.96 7.32
C MET A 1 1.21 22.88 6.99
N ASP A 2 2.37 22.28 6.69
CA ASP A 2 3.57 23.04 6.33
C ASP A 2 4.21 22.46 5.09
N GLU A 3 4.40 23.32 4.10
CA GLU A 3 4.98 22.91 2.82
C GLU A 3 6.47 22.63 2.94
N LYS A 4 7.13 23.31 3.88
CA LYS A 4 8.56 23.10 4.07
C LYS A 4 8.81 21.68 4.54
N LEU A 5 8.03 21.24 5.53
CA LEU A 5 8.16 19.89 6.03
C LEU A 5 7.96 18.93 4.86
N LEU A 6 6.88 19.12 4.10
CA LEU A 6 6.56 18.26 2.96
C LEU A 6 7.70 18.17 1.94
N LYS A 7 8.29 19.33 1.66
CA LYS A 7 9.39 19.39 0.71
C LYS A 7 10.51 18.48 1.21
N THR A 8 10.90 18.69 2.48
CA THR A 8 11.95 17.89 3.13
C THR A 8 11.72 16.40 2.93
N ILE A 9 10.52 15.93 3.29
CA ILE A 9 10.17 14.52 3.13
C ILE A 9 10.17 14.11 1.65
N ALA A 10 9.43 14.86 0.84
CA ALA A 10 9.31 14.56 -0.58
C ALA A 10 10.63 14.53 -1.32
N GLU A 11 11.54 15.44 -0.96
CA GLU A 11 12.82 15.52 -1.63
C GLU A 11 13.94 14.71 -0.98
N SER A 12 13.71 14.16 0.21
CA SER A 12 14.73 13.36 0.89
C SER A 12 15.39 12.33 -0.05
N LYS A 13 16.72 12.23 0.00
CA LYS A 13 17.45 11.28 -0.83
C LYS A 13 17.47 9.90 -0.18
N TYR A 14 17.42 9.89 1.14
CA TYR A 14 17.43 8.64 1.89
C TYR A 14 16.78 8.93 3.23
N LEU A 15 15.49 8.65 3.32
CA LEU A 15 14.76 8.88 4.55
C LEU A 15 14.60 7.57 5.30
N VAL A 16 14.74 7.64 6.62
CA VAL A 16 14.58 6.49 7.48
C VAL A 16 13.73 6.95 8.65
N ALA A 17 13.20 6.00 9.41
CA ALA A 17 12.36 6.33 10.55
C ALA A 17 12.67 5.48 11.77
N LEU A 18 12.53 6.08 12.96
CA LEU A 18 12.74 5.37 14.21
C LEU A 18 11.42 5.41 14.98
N THR A 19 10.76 4.25 15.11
CA THR A 19 9.50 4.21 15.81
C THR A 19 9.66 3.61 17.21
N GLY A 20 8.64 3.84 18.05
CA GLY A 20 8.61 3.32 19.40
C GLY A 20 7.20 2.84 19.68
N ALA A 21 6.97 2.34 20.89
CA ALA A 21 5.65 1.82 21.26
C ALA A 21 4.54 2.85 21.10
N GLY A 22 4.90 4.11 20.97
CA GLY A 22 3.88 5.12 20.81
C GLY A 22 3.19 4.92 19.48
N VAL A 23 3.84 4.21 18.57
CA VAL A 23 3.26 3.97 17.26
C VAL A 23 2.33 2.75 17.24
N SER A 24 2.25 2.02 18.34
CA SER A 24 1.39 0.85 18.41
C SER A 24 0.27 1.02 19.44
N ALA A 25 0.20 2.21 20.04
CA ALA A 25 -0.82 2.50 21.05
C ALA A 25 -2.23 2.44 20.46
N GLU A 26 -2.44 3.15 19.35
CA GLU A 26 -3.75 3.21 18.70
C GLU A 26 -4.15 1.88 18.09
N SER A 27 -3.42 0.84 18.49
CA SER A 27 -3.70 -0.52 18.06
C SER A 27 -4.13 -1.23 19.32
N GLY A 28 -4.01 -0.52 20.44
CA GLY A 28 -4.38 -1.09 21.72
C GLY A 28 -3.26 -1.79 22.45
N ILE A 29 -2.03 -1.49 22.07
CA ILE A 29 -0.86 -2.07 22.71
C ILE A 29 -0.25 -0.98 23.58
N PRO A 30 -0.28 -1.17 24.90
CA PRO A 30 0.28 -0.19 25.83
C PRO A 30 1.74 0.14 25.61
N THR A 31 2.14 1.34 26.02
CA THR A 31 3.53 1.74 25.88
C THR A 31 4.27 1.35 27.16
N PHE A 32 5.60 1.45 27.10
CA PHE A 32 6.45 1.10 28.23
C PHE A 32 6.26 2.02 29.44
N ARG A 33 6.24 3.33 29.20
CA ARG A 33 6.12 4.30 30.29
C ARG A 33 4.75 4.97 30.52
N GLY A 34 3.74 4.60 29.75
CA GLY A 34 2.43 5.22 29.92
C GLY A 34 1.64 4.73 31.13
N LYS A 35 0.48 5.36 31.37
CA LYS A 35 -0.36 4.95 32.48
C LYS A 35 -0.97 3.58 32.17
N ASP A 36 -1.06 3.26 30.90
CA ASP A 36 -1.62 1.99 30.44
C ASP A 36 -0.61 0.85 30.56
N GLY A 37 0.64 1.21 30.86
CA GLY A 37 1.70 0.22 30.96
C GLY A 37 1.71 -0.73 32.14
N LEU A 38 1.17 -0.30 33.27
CA LEU A 38 1.12 -1.13 34.47
C LEU A 38 0.44 -2.48 34.25
N TRP A 39 0.95 -3.49 34.95
CA TRP A 39 0.42 -4.84 34.85
C TRP A 39 0.52 -5.46 36.24
N ASN A 40 -0.62 -5.59 36.94
CA ASN A 40 -0.63 -6.13 38.29
C ASN A 40 0.15 -5.15 39.15
N ARG A 41 0.02 -3.87 38.82
CA ARG A 41 0.70 -2.78 39.52
C ARG A 41 2.20 -2.71 39.24
N TYR A 42 2.74 -3.75 38.59
CA TYR A 42 4.15 -3.75 38.25
C TYR A 42 4.33 -2.80 37.07
N ARG A 43 5.55 -2.31 36.91
CA ARG A 43 5.88 -1.40 35.84
C ARG A 43 6.66 -2.24 34.84
N PRO A 44 6.61 -1.91 33.55
CA PRO A 44 7.35 -2.70 32.55
C PRO A 44 8.85 -2.84 32.84
N GLU A 45 9.49 -1.71 33.09
CA GLU A 45 10.92 -1.67 33.38
C GLU A 45 11.30 -2.60 34.52
N GLU A 46 10.39 -2.78 35.47
CA GLU A 46 10.68 -3.62 36.62
C GLU A 46 10.17 -5.05 36.51
N LEU A 47 10.09 -5.56 35.29
CA LEU A 47 9.62 -6.91 35.07
C LEU A 47 10.34 -7.49 33.87
N ALA A 48 10.66 -6.63 32.90
CA ALA A 48 11.39 -7.05 31.71
C ALA A 48 12.88 -6.95 32.10
N ASN A 49 13.14 -7.28 33.36
CA ASN A 49 14.47 -7.23 33.96
C ASN A 49 15.07 -8.62 33.92
N PRO A 50 16.33 -8.76 33.48
CA PRO A 50 16.93 -10.09 33.45
C PRO A 50 16.98 -10.70 34.85
N GLN A 51 17.15 -9.83 35.85
CA GLN A 51 17.17 -10.26 37.24
C GLN A 51 15.77 -10.71 37.61
N ALA A 52 14.81 -9.79 37.46
CA ALA A 52 13.42 -10.07 37.78
C ALA A 52 12.97 -11.38 37.15
N PHE A 53 13.63 -11.78 36.05
CA PHE A 53 13.31 -13.02 35.35
C PHE A 53 13.86 -14.23 36.11
N ALA A 54 15.10 -14.14 36.55
CA ALA A 54 15.71 -15.24 37.29
C ALA A 54 15.04 -15.34 38.67
N LYS A 55 14.77 -14.18 39.26
CA LYS A 55 14.15 -14.08 40.57
C LYS A 55 12.79 -14.79 40.62
N ASP A 56 12.03 -14.70 39.53
CA ASP A 56 10.70 -15.30 39.47
C ASP A 56 10.26 -15.36 38.01
N PRO A 57 10.81 -16.33 37.24
CA PRO A 57 10.52 -16.54 35.81
C PRO A 57 9.06 -16.83 35.49
N GLU A 58 8.31 -17.26 36.49
CA GLU A 58 6.90 -17.58 36.28
C GLU A 58 6.10 -16.29 36.11
N LYS A 59 6.47 -15.24 36.85
CA LYS A 59 5.73 -14.00 36.75
C LYS A 59 6.06 -13.31 35.44
N VAL A 60 7.34 -13.19 35.15
CA VAL A 60 7.78 -12.53 33.92
C VAL A 60 7.19 -13.21 32.68
N TRP A 61 7.19 -14.54 32.63
CA TRP A 61 6.61 -15.23 31.48
C TRP A 61 5.11 -15.00 31.46
N LYS A 62 4.51 -14.91 32.64
CA LYS A 62 3.07 -14.69 32.71
C LYS A 62 2.78 -13.36 32.05
N TRP A 63 3.63 -12.38 32.32
CA TRP A 63 3.47 -11.04 31.75
C TRP A 63 3.61 -11.12 30.22
N TYR A 64 4.71 -11.69 29.74
CA TYR A 64 4.92 -11.81 28.32
C TYR A 64 3.84 -12.58 27.63
N ALA A 65 3.33 -13.62 28.30
CA ALA A 65 2.26 -14.43 27.73
C ALA A 65 1.08 -13.51 27.47
N TRP A 66 0.73 -12.71 28.46
CA TRP A 66 -0.38 -11.76 28.38
C TRP A 66 -0.17 -10.76 27.25
N ARG A 67 1.04 -10.21 27.15
CA ARG A 67 1.37 -9.26 26.10
C ARG A 67 1.26 -9.89 24.70
N MET A 68 1.83 -11.07 24.51
CA MET A 68 1.78 -11.76 23.23
C MET A 68 0.35 -12.00 22.81
N GLU A 69 -0.45 -12.49 23.75
CA GLU A 69 -1.88 -12.76 23.56
C GLU A 69 -2.55 -11.55 22.88
N LYS A 70 -2.16 -10.35 23.31
CA LYS A 70 -2.67 -9.09 22.78
C LYS A 70 -2.10 -8.79 21.39
N VAL A 71 -0.78 -8.77 21.27
CA VAL A 71 -0.15 -8.48 20.00
C VAL A 71 -0.51 -9.47 18.90
N PHE A 72 -0.59 -10.75 19.23
CA PHE A 72 -0.93 -11.75 18.23
C PHE A 72 -2.38 -11.70 17.80
N ASN A 73 -3.11 -10.70 18.27
CA ASN A 73 -4.51 -10.56 17.89
C ASN A 73 -4.80 -9.11 17.52
N ALA A 74 -3.89 -8.22 17.89
CA ALA A 74 -4.05 -6.80 17.60
C ALA A 74 -3.87 -6.56 16.10
N GLN A 75 -4.55 -5.53 15.60
CA GLN A 75 -4.46 -5.16 14.18
C GLN A 75 -3.66 -3.87 13.97
N PRO A 76 -2.96 -3.78 12.84
CA PRO A 76 -2.16 -2.58 12.52
C PRO A 76 -3.01 -1.33 12.31
N ASN A 77 -2.56 -0.22 12.88
CA ASN A 77 -3.28 1.06 12.79
C ASN A 77 -2.82 1.94 11.66
N LYS A 78 -3.36 3.16 11.63
CA LYS A 78 -3.03 4.13 10.58
C LYS A 78 -1.56 4.47 10.52
N ALA A 79 -0.90 4.56 11.67
CA ALA A 79 0.52 4.86 11.66
C ALA A 79 1.22 3.67 11.02
N HIS A 80 0.87 2.46 11.44
CA HIS A 80 1.51 1.28 10.84
C HIS A 80 1.31 1.37 9.33
N GLN A 81 0.05 1.50 8.92
CA GLN A 81 -0.37 1.59 7.53
C GLN A 81 0.47 2.58 6.75
N ALA A 82 0.52 3.80 7.28
CA ALA A 82 1.25 4.91 6.69
C ALA A 82 2.75 4.68 6.50
N PHE A 83 3.43 4.11 7.50
CA PHE A 83 4.87 3.86 7.38
C PHE A 83 5.12 2.83 6.27
N ALA A 84 4.20 1.90 6.12
CA ALA A 84 4.31 0.90 5.06
C ALA A 84 4.02 1.59 3.72
N GLU A 85 3.12 2.56 3.73
CA GLU A 85 2.74 3.30 2.52
C GLU A 85 3.93 4.10 1.99
N LEU A 86 4.60 4.80 2.90
CA LEU A 86 5.72 5.63 2.55
C LEU A 86 6.92 4.81 2.06
N GLU A 87 6.88 3.50 2.30
CA GLU A 87 7.95 2.62 1.88
C GLU A 87 7.69 2.14 0.47
N ARG A 88 6.42 1.92 0.14
CA ARG A 88 6.05 1.48 -1.19
C ARG A 88 6.33 2.63 -2.16
N LEU A 89 6.12 3.87 -1.70
CA LEU A 89 6.35 5.05 -2.52
C LEU A 89 7.81 5.34 -2.84
N GLY A 90 8.72 4.63 -2.19
CA GLY A 90 10.15 4.82 -2.41
C GLY A 90 10.84 5.90 -1.57
N VAL A 91 10.10 6.52 -0.63
CA VAL A 91 10.66 7.55 0.24
C VAL A 91 11.32 6.92 1.48
N LEU A 92 10.55 6.16 2.25
CA LEU A 92 11.11 5.51 3.42
C LEU A 92 12.03 4.41 2.91
N LYS A 93 13.31 4.50 3.24
CA LYS A 93 14.26 3.49 2.80
C LYS A 93 14.32 2.34 3.82
N CYS A 94 14.26 2.70 5.10
CA CYS A 94 14.33 1.73 6.17
C CYS A 94 13.63 2.21 7.42
N LEU A 95 12.96 1.29 8.10
CA LEU A 95 12.25 1.60 9.32
C LEU A 95 12.91 0.87 10.51
N ILE A 96 13.45 1.65 11.42
CA ILE A 96 14.10 1.12 12.61
C ILE A 96 13.12 1.22 13.78
N THR A 97 12.59 0.08 14.24
CA THR A 97 11.66 0.10 15.37
C THR A 97 12.19 -0.56 16.63
N GLN A 98 11.74 -0.06 17.78
CA GLN A 98 12.13 -0.60 19.07
C GLN A 98 11.01 -1.52 19.55
N ASN A 99 9.93 -1.59 18.78
CA ASN A 99 8.78 -2.41 19.12
C ASN A 99 8.95 -3.91 18.87
N VAL A 100 8.68 -4.70 19.91
CA VAL A 100 8.83 -6.13 19.82
C VAL A 100 7.58 -6.79 19.29
N ASP A 101 6.54 -6.00 19.01
CA ASP A 101 5.33 -6.57 18.42
C ASP A 101 5.67 -6.71 16.94
N GLY A 102 4.76 -7.27 16.15
CA GLY A 102 5.05 -7.43 14.75
C GLY A 102 4.10 -6.67 13.85
N LEU A 103 3.58 -5.56 14.33
CA LEU A 103 2.63 -4.76 13.58
C LEU A 103 3.19 -4.05 12.33
N HIS A 104 4.43 -3.60 12.36
CA HIS A 104 4.96 -2.93 11.18
C HIS A 104 4.97 -3.82 9.96
N GLU A 105 5.54 -5.02 10.07
CA GLU A 105 5.57 -5.93 8.94
C GLU A 105 4.14 -6.20 8.49
N ARG A 106 3.25 -6.39 9.47
CA ARG A 106 1.85 -6.65 9.16
C ARG A 106 1.31 -5.59 8.21
N ALA A 107 1.41 -4.32 8.60
CA ALA A 107 0.93 -3.22 7.77
C ALA A 107 1.50 -3.36 6.35
N GLY A 108 2.63 -4.05 6.22
CA GLY A 108 3.24 -4.24 4.92
C GLY A 108 4.70 -3.87 4.78
N SER A 109 5.26 -3.18 5.77
CA SER A 109 6.68 -2.77 5.73
C SER A 109 7.55 -3.97 5.36
N ARG A 110 8.63 -3.71 4.60
CA ARG A 110 9.53 -4.77 4.18
C ARG A 110 10.88 -4.71 4.88
N ASN A 111 11.53 -3.55 4.79
CA ASN A 111 12.84 -3.35 5.39
C ASN A 111 12.71 -2.82 6.81
N VAL A 112 12.70 -3.72 7.78
CA VAL A 112 12.57 -3.33 9.18
C VAL A 112 13.63 -3.92 10.14
N ILE A 113 14.45 -3.05 10.69
CA ILE A 113 15.45 -3.47 11.65
C ILE A 113 14.76 -3.54 13.03
N HIS A 114 14.70 -4.74 13.62
CA HIS A 114 14.10 -4.89 14.94
C HIS A 114 15.16 -4.74 16.01
N LEU A 115 15.33 -3.49 16.41
CA LEU A 115 16.30 -3.09 17.39
C LEU A 115 16.29 -3.82 18.75
N HIS A 116 15.10 -4.19 19.23
CA HIS A 116 14.99 -4.83 20.54
C HIS A 116 14.45 -6.25 20.63
N GLY A 117 14.49 -6.97 19.52
CA GLY A 117 14.01 -8.34 19.54
C GLY A 117 12.64 -8.55 18.94
N SER A 118 11.96 -9.60 19.39
CA SER A 118 10.64 -9.93 18.89
C SER A 118 9.86 -10.84 19.84
N LEU A 119 8.56 -10.56 19.99
CA LEU A 119 7.70 -11.37 20.84
C LEU A 119 7.25 -12.59 20.06
N ARG A 120 7.65 -12.65 18.79
CA ARG A 120 7.31 -13.76 17.92
C ARG A 120 8.38 -14.83 18.05
N VAL A 121 9.48 -14.45 18.70
CA VAL A 121 10.62 -15.33 18.87
C VAL A 121 10.88 -15.75 20.32
N VAL A 122 11.25 -17.02 20.48
CA VAL A 122 11.55 -17.56 21.80
C VAL A 122 12.91 -18.28 21.74
N ARG A 123 13.92 -17.72 22.39
CA ARG A 123 15.24 -18.34 22.38
C ARG A 123 15.55 -18.95 23.74
N CYS A 124 16.44 -19.93 23.75
CA CYS A 124 16.80 -20.61 24.98
C CYS A 124 17.86 -19.89 25.79
N THR A 125 17.81 -20.07 27.11
CA THR A 125 18.75 -19.39 28.01
C THR A 125 20.14 -20.00 28.09
N SER A 126 20.31 -21.20 27.52
CA SER A 126 21.59 -21.88 27.57
C SER A 126 22.09 -22.28 26.18
N CYS A 127 21.47 -23.28 25.57
CA CYS A 127 21.87 -23.73 24.25
C CYS A 127 21.65 -22.59 23.26
N ASN A 128 21.99 -22.83 22.00
CA ASN A 128 21.83 -21.81 20.98
C ASN A 128 20.56 -22.04 20.17
N ASN A 129 19.57 -22.68 20.79
CA ASN A 129 18.28 -22.94 20.17
C ASN A 129 17.39 -21.70 20.24
N SER A 130 16.49 -21.56 19.26
CA SER A 130 15.59 -20.41 19.21
C SER A 130 14.59 -20.54 18.06
N PHE A 131 13.31 -20.63 18.39
CA PHE A 131 12.27 -20.75 17.37
C PHE A 131 11.34 -19.54 17.32
N GLU A 132 10.26 -19.66 16.55
CA GLU A 132 9.28 -18.58 16.40
C GLU A 132 7.84 -19.08 16.54
N VAL A 133 7.17 -18.72 17.63
CA VAL A 133 5.79 -19.15 17.85
C VAL A 133 4.82 -18.27 17.07
N GLU A 134 3.56 -18.68 17.01
CA GLU A 134 2.53 -17.93 16.30
C GLU A 134 1.30 -17.75 17.17
N SER A 135 1.36 -18.32 18.37
CA SER A 135 0.26 -18.24 19.32
C SER A 135 0.84 -18.09 20.73
N ALA A 136 0.01 -17.57 21.63
CA ALA A 136 0.41 -17.37 23.00
C ALA A 136 0.68 -18.71 23.68
N PRO A 137 1.56 -18.72 24.69
CA PRO A 137 1.87 -19.95 25.40
C PRO A 137 1.05 -20.06 26.68
N LYS A 138 0.74 -21.30 27.06
CA LYS A 138 -0.02 -21.55 28.28
C LYS A 138 0.93 -21.15 29.41
N ILE A 139 0.50 -20.21 30.24
CA ILE A 139 1.36 -19.70 31.30
C ILE A 139 1.71 -20.57 32.51
N PRO A 140 0.75 -21.34 33.06
CA PRO A 140 1.17 -22.15 34.22
C PRO A 140 2.46 -22.92 33.96
N PRO A 141 2.55 -23.62 32.81
CA PRO A 141 3.76 -24.38 32.50
C PRO A 141 4.87 -23.58 31.79
N LEU A 142 6.02 -23.43 32.44
CA LEU A 142 7.15 -22.69 31.87
C LEU A 142 7.70 -23.43 30.64
N PRO A 143 8.07 -22.68 29.59
CA PRO A 143 8.60 -23.26 28.36
C PRO A 143 9.76 -24.26 28.55
N LYS A 144 9.81 -25.24 27.65
CA LYS A 144 10.81 -26.31 27.64
C LYS A 144 12.12 -25.99 26.93
N CYS A 145 12.34 -26.67 25.80
CA CYS A 145 13.53 -26.53 24.95
C CYS A 145 13.85 -27.89 24.33
N ASP A 146 13.64 -28.02 23.02
CA ASP A 146 13.92 -29.27 22.32
C ASP A 146 15.41 -29.44 22.02
N LYS A 147 16.25 -28.75 22.78
CA LYS A 147 17.70 -28.83 22.59
C LYS A 147 18.42 -29.30 23.84
N CYS A 148 18.51 -28.43 24.84
CA CYS A 148 19.17 -28.78 26.09
C CYS A 148 18.18 -28.94 27.26
N GLY A 149 16.92 -28.56 27.03
CA GLY A 149 15.91 -28.70 28.07
C GLY A 149 15.88 -27.61 29.14
N SER A 150 16.70 -26.57 28.96
CA SER A 150 16.74 -25.46 29.92
C SER A 150 15.57 -24.53 29.66
N LEU A 151 15.38 -23.55 30.55
CA LEU A 151 14.28 -22.58 30.43
C LEU A 151 14.33 -21.75 29.14
N LEU A 152 13.15 -21.39 28.63
CA LEU A 152 13.05 -20.57 27.43
C LEU A 152 12.63 -19.15 27.80
N ARG A 153 12.88 -18.20 26.91
CA ARG A 153 12.53 -16.81 27.16
C ARG A 153 12.05 -16.11 25.88
N PRO A 154 11.58 -14.86 26.00
CA PRO A 154 11.13 -14.16 24.81
C PRO A 154 12.40 -13.70 24.09
N GLY A 155 12.37 -13.69 22.77
CA GLY A 155 13.56 -13.29 22.03
C GLY A 155 13.78 -11.79 22.02
N VAL A 156 13.41 -11.12 23.11
CA VAL A 156 13.55 -9.67 23.20
C VAL A 156 14.81 -9.24 23.94
N VAL A 157 15.00 -7.93 24.09
CA VAL A 157 16.15 -7.42 24.79
C VAL A 157 15.74 -6.76 26.10
N TRP A 158 16.40 -7.12 27.20
CA TRP A 158 16.09 -6.51 28.48
C TRP A 158 17.18 -5.54 28.89
N ALA A 159 16.91 -4.70 29.88
CA ALA A 159 17.88 -3.72 30.34
C ALA A 159 19.20 -4.41 30.67
N GLY A 160 20.30 -3.75 30.37
CA GLY A 160 21.60 -4.32 30.65
C GLY A 160 22.00 -5.44 29.71
N GLU A 161 21.12 -5.84 28.80
CA GLU A 161 21.47 -6.90 27.86
C GLU A 161 21.97 -6.26 26.59
N MET A 162 22.56 -7.07 25.71
CA MET A 162 23.06 -6.55 24.45
C MET A 162 21.97 -6.65 23.40
N LEU A 163 22.02 -5.77 22.40
CA LEU A 163 21.01 -5.81 21.35
C LEU A 163 21.34 -6.96 20.43
N PRO A 164 20.33 -7.47 19.70
CA PRO A 164 20.57 -8.58 18.80
C PRO A 164 21.78 -8.32 17.91
N PRO A 165 22.41 -9.38 17.41
CA PRO A 165 23.59 -9.37 16.54
C PRO A 165 24.00 -8.11 15.76
N ASP A 166 23.81 -8.11 14.44
CA ASP A 166 24.23 -6.97 13.66
C ASP A 166 23.26 -5.79 13.65
N VAL A 167 22.17 -5.94 14.38
CA VAL A 167 21.14 -4.91 14.46
C VAL A 167 21.65 -3.48 14.64
N LEU A 168 22.31 -3.20 15.75
CA LEU A 168 22.81 -1.85 16.00
C LEU A 168 23.69 -1.30 14.88
N ASP A 169 24.52 -2.14 14.27
CA ASP A 169 25.39 -1.69 13.17
C ASP A 169 24.56 -1.34 11.96
N ALA A 170 23.46 -2.06 11.78
CA ALA A 170 22.55 -1.85 10.67
C ALA A 170 21.94 -0.46 10.78
N ALA A 171 21.28 -0.21 11.91
CA ALA A 171 20.65 1.06 12.13
C ALA A 171 21.72 2.15 12.14
N MET A 172 22.92 1.78 12.58
CA MET A 172 24.04 2.73 12.63
C MET A 172 24.44 3.14 11.22
N ARG A 173 24.33 2.20 10.29
CA ARG A 173 24.65 2.47 8.89
C ARG A 173 23.53 3.30 8.28
N GLU A 174 22.29 2.94 8.56
CA GLU A 174 21.14 3.66 8.05
C GLU A 174 21.20 5.14 8.39
N VAL A 175 21.25 5.47 9.67
CA VAL A 175 21.28 6.86 10.10
C VAL A 175 22.56 7.62 9.75
N GLU A 176 23.61 6.90 9.37
CA GLU A 176 24.87 7.56 9.01
C GLU A 176 24.80 8.00 7.53
N ARG A 177 23.73 7.59 6.87
CA ARG A 177 23.49 7.93 5.47
C ARG A 177 22.27 8.84 5.40
N ALA A 178 21.31 8.57 6.27
CA ALA A 178 20.06 9.31 6.34
C ALA A 178 20.18 10.84 6.36
N ASP A 179 19.44 11.48 5.46
CA ASP A 179 19.42 12.94 5.37
C ASP A 179 18.20 13.44 6.13
N VAL A 180 17.26 12.53 6.35
CA VAL A 180 16.04 12.85 7.08
C VAL A 180 15.56 11.63 7.85
N ILE A 181 15.17 11.84 9.10
CA ILE A 181 14.69 10.74 9.92
C ILE A 181 13.44 11.16 10.66
N ILE A 182 12.42 10.32 10.55
CA ILE A 182 11.15 10.57 11.23
C ILE A 182 11.21 9.73 12.51
N VAL A 183 10.96 10.36 13.65
CA VAL A 183 11.00 9.69 14.95
C VAL A 183 9.63 9.70 15.60
N ALA A 184 8.90 8.60 15.45
CA ALA A 184 7.54 8.50 15.97
C ALA A 184 7.28 7.65 17.22
N GLY A 185 6.55 8.22 18.17
CA GLY A 185 6.18 7.52 19.39
C GLY A 185 7.23 6.82 20.24
N THR A 186 8.36 7.49 20.45
CA THR A 186 9.44 6.96 21.27
C THR A 186 9.74 8.10 22.25
N SER A 187 10.00 7.76 23.51
CA SER A 187 10.26 8.77 24.53
C SER A 187 11.66 9.37 24.54
N ALA A 188 12.52 8.90 23.63
CA ALA A 188 13.91 9.37 23.49
C ALA A 188 14.58 9.52 24.84
N VAL A 189 14.61 8.41 25.57
CA VAL A 189 15.19 8.37 26.89
C VAL A 189 16.11 7.16 27.04
N VAL A 190 15.73 6.07 26.38
CA VAL A 190 16.48 4.81 26.43
C VAL A 190 17.54 4.66 25.36
N GLN A 191 18.74 4.27 25.79
CA GLN A 191 19.85 4.08 24.87
C GLN A 191 20.09 2.60 24.58
N PRO A 192 20.84 2.29 23.52
CA PRO A 192 21.49 3.19 22.57
C PRO A 192 20.58 3.77 21.48
N ALA A 193 19.36 3.26 21.35
CA ALA A 193 18.41 3.73 20.34
C ALA A 193 18.18 5.24 20.35
N ALA A 194 17.86 5.80 21.50
CA ALA A 194 17.60 7.24 21.56
C ALA A 194 18.72 8.07 20.99
N SER A 195 19.82 7.42 20.63
CA SER A 195 20.96 8.13 20.07
C SER A 195 20.96 8.17 18.56
N LEU A 196 20.40 7.14 17.93
CA LEU A 196 20.33 7.06 16.46
C LEU A 196 19.96 8.37 15.73
N PRO A 197 18.96 9.09 16.24
CA PRO A 197 18.58 10.34 15.56
C PRO A 197 19.66 11.41 15.73
N LEU A 198 20.24 11.46 16.93
CA LEU A 198 21.30 12.43 17.23
C LEU A 198 22.40 12.31 16.18
N ILE A 199 22.61 11.08 15.72
CA ILE A 199 23.61 10.80 14.71
C ILE A 199 23.29 11.60 13.46
N VAL A 200 22.08 11.40 12.96
CA VAL A 200 21.61 12.10 11.78
C VAL A 200 21.79 13.59 11.97
N LYS A 201 21.28 14.11 13.08
CA LYS A 201 21.37 15.53 13.38
C LYS A 201 22.76 16.12 13.38
N GLN A 202 23.75 15.39 13.91
CA GLN A 202 25.10 15.96 13.92
C GLN A 202 25.78 15.84 12.57
N ARG A 203 24.99 15.52 11.54
CA ARG A 203 25.48 15.39 10.16
C ARG A 203 24.76 16.38 9.25
N GLY A 204 24.02 17.31 9.86
CA GLY A 204 23.29 18.30 9.09
C GLY A 204 21.99 17.76 8.54
N GLY A 205 21.54 16.63 9.11
CA GLY A 205 20.30 16.02 8.68
C GLY A 205 19.10 16.62 9.38
N ALA A 206 17.91 16.28 8.90
CA ALA A 206 16.68 16.79 9.48
C ALA A 206 15.95 15.75 10.33
N ILE A 207 15.49 16.17 11.50
CA ILE A 207 14.79 15.28 12.40
C ILE A 207 13.33 15.71 12.53
N ILE A 208 12.42 14.84 12.10
CA ILE A 208 11.01 15.13 12.21
C ILE A 208 10.48 14.27 13.33
N GLU A 209 10.23 14.87 14.48
CA GLU A 209 9.71 14.09 15.58
C GLU A 209 8.20 14.18 15.61
N ILE A 210 7.58 13.04 15.92
CA ILE A 210 6.12 12.96 16.01
C ILE A 210 5.86 12.32 17.36
N ASN A 211 5.24 13.06 18.27
CA ASN A 211 4.94 12.56 19.61
C ASN A 211 3.98 13.54 20.27
N PRO A 212 2.96 13.04 20.98
CA PRO A 212 2.02 13.96 21.63
C PRO A 212 2.73 14.83 22.65
N ASP A 213 3.80 14.28 23.24
CA ASP A 213 4.57 14.98 24.24
C ASP A 213 5.89 15.55 23.80
N GLU A 214 6.48 16.29 24.73
CA GLU A 214 7.78 16.90 24.51
C GLU A 214 8.78 15.88 25.06
N THR A 215 9.87 15.68 24.33
CA THR A 215 10.88 14.73 24.76
C THR A 215 12.24 15.36 24.64
N PRO A 216 13.27 14.71 25.20
CA PRO A 216 14.66 15.18 25.17
C PRO A 216 15.13 15.36 23.74
N LEU A 217 14.30 14.93 22.79
CA LEU A 217 14.65 15.07 21.39
C LEU A 217 13.97 16.31 20.83
N THR A 218 12.80 16.63 21.36
CA THR A 218 12.02 17.77 20.89
C THR A 218 12.76 19.06 20.59
N PRO A 219 13.51 19.61 21.56
CA PRO A 219 14.23 20.86 21.29
C PRO A 219 15.31 20.85 20.20
N ILE A 220 15.58 19.69 19.62
CA ILE A 220 16.59 19.60 18.56
C ILE A 220 15.97 19.16 17.23
N ALA A 221 14.70 18.77 17.28
CA ALA A 221 14.01 18.31 16.09
C ALA A 221 13.70 19.50 15.19
N ASP A 222 13.88 19.34 13.89
CA ASP A 222 13.59 20.42 12.96
C ASP A 222 12.08 20.66 12.91
N TYR A 223 11.32 19.59 13.10
CA TYR A 223 9.87 19.67 13.12
C TYR A 223 9.31 18.79 14.23
N SER A 224 8.52 19.39 15.12
CA SER A 224 7.91 18.66 16.22
C SER A 224 6.39 18.66 16.07
N LEU A 225 5.87 17.56 15.54
CA LEU A 225 4.43 17.42 15.33
C LEU A 225 3.77 16.79 16.56
N ARG A 226 3.15 17.64 17.37
CA ARG A 226 2.51 17.19 18.60
C ARG A 226 1.13 16.54 18.43
N GLY A 227 1.11 15.26 18.06
CA GLY A 227 -0.15 14.56 17.90
C GLY A 227 0.02 13.06 17.84
N LYS A 228 -1.08 12.33 17.78
CA LYS A 228 -1.01 10.87 17.69
C LYS A 228 -0.41 10.44 16.35
N ALA A 229 0.46 9.45 16.38
CA ALA A 229 1.12 8.98 15.18
C ALA A 229 0.11 8.42 14.21
N GLY A 230 -1.06 8.07 14.71
CA GLY A 230 -2.07 7.53 13.83
C GLY A 230 -2.60 8.56 12.85
N GLU A 231 -2.92 9.74 13.36
CA GLU A 231 -3.46 10.81 12.53
C GLU A 231 -2.38 11.63 11.81
N VAL A 232 -1.30 11.93 12.52
CA VAL A 232 -0.21 12.70 11.94
C VAL A 232 0.40 11.91 10.78
N MET A 233 0.73 10.64 11.03
CA MET A 233 1.33 9.84 9.98
C MET A 233 0.39 9.62 8.80
N ASP A 234 -0.91 9.64 9.03
CA ASP A 234 -1.82 9.44 7.92
C ASP A 234 -1.93 10.68 7.02
N GLU A 235 -2.19 11.84 7.61
CA GLU A 235 -2.30 13.09 6.85
C GLU A 235 -0.99 13.35 6.08
N LEU A 236 0.12 13.13 6.75
CA LEU A 236 1.41 13.36 6.15
C LEU A 236 1.67 12.45 4.95
N VAL A 237 1.45 11.15 5.13
CA VAL A 237 1.67 10.20 4.03
C VAL A 237 0.75 10.49 2.84
N ARG A 238 -0.31 11.24 3.06
CA ARG A 238 -1.20 11.55 1.96
C ARG A 238 -0.64 12.74 1.17
N HIS A 239 -0.31 13.82 1.86
CA HIS A 239 0.25 14.98 1.19
C HIS A 239 1.42 14.57 0.34
N VAL A 240 2.33 13.78 0.92
CA VAL A 240 3.52 13.32 0.22
C VAL A 240 3.22 12.51 -1.04
N ARG A 241 2.26 11.58 -0.96
CA ARG A 241 1.91 10.77 -2.14
C ARG A 241 1.58 11.69 -3.32
N LYS A 242 0.73 12.69 -3.06
CA LYS A 242 0.32 13.68 -4.06
C LYS A 242 1.52 14.50 -4.52
N ALA A 243 2.08 15.29 -3.60
CA ALA A 243 3.24 16.14 -3.87
C ALA A 243 4.33 15.35 -4.60
N LEU A 244 4.29 14.03 -4.49
CA LEU A 244 5.28 13.17 -5.14
C LEU A 244 4.99 13.12 -6.64
N SER A 245 4.44 14.21 -7.17
CA SER A 245 4.12 14.31 -8.60
C SER A 245 4.46 15.73 -9.07
N LEU A 246 5.75 15.99 -9.19
CA LEU A 246 6.25 17.29 -9.63
C LEU A 246 7.69 17.22 -10.12
N LYS A 247 7.94 17.96 -11.20
CA LYS A 247 9.25 18.13 -11.82
C LYS A 247 9.94 17.03 -12.64
N LEU A 248 10.02 17.29 -13.95
CA LEU A 248 10.61 16.41 -14.98
C LEU A 248 9.74 15.20 -15.31
N ASN A 249 9.15 14.61 -14.27
CA ASN A 249 8.28 13.45 -14.42
C ASN A 249 6.98 13.60 -13.62
N MET B 1 -21.25 10.43 -0.50
CA MET B 1 -20.76 10.00 0.84
C MET B 1 -21.95 9.84 1.79
N ASP B 2 -22.36 8.59 1.98
CA ASP B 2 -23.49 8.25 2.84
C ASP B 2 -23.11 7.10 3.78
N GLU B 3 -23.83 6.95 4.88
CA GLU B 3 -23.57 5.88 5.85
C GLU B 3 -23.85 4.52 5.23
N LYS B 4 -24.98 4.43 4.53
CA LYS B 4 -25.37 3.18 3.90
C LYS B 4 -24.34 2.80 2.85
N LEU B 5 -23.98 3.76 2.00
CA LEU B 5 -22.98 3.52 0.96
C LEU B 5 -21.74 2.91 1.62
N LEU B 6 -21.24 3.60 2.64
CA LEU B 6 -20.07 3.16 3.38
C LEU B 6 -20.23 1.82 4.07
N LYS B 7 -21.38 1.63 4.70
CA LYS B 7 -21.68 0.38 5.41
C LYS B 7 -21.62 -0.74 4.38
N THR B 8 -22.15 -0.46 3.19
CA THR B 8 -22.17 -1.44 2.11
C THR B 8 -20.75 -1.78 1.73
N ILE B 9 -19.96 -0.78 1.38
CA ILE B 9 -18.58 -1.03 0.99
C ILE B 9 -17.87 -1.73 2.13
N ALA B 10 -18.00 -1.16 3.33
CA ALA B 10 -17.37 -1.70 4.52
C ALA B 10 -17.66 -3.16 4.81
N GLU B 11 -18.93 -3.55 4.68
CA GLU B 11 -19.35 -4.93 4.97
C GLU B 11 -19.35 -5.87 3.74
N SER B 12 -18.73 -5.45 2.65
CA SER B 12 -18.69 -6.29 1.45
C SER B 12 -18.13 -7.67 1.75
N LYS B 13 -18.55 -8.66 0.99
CA LYS B 13 -18.09 -10.03 1.16
C LYS B 13 -17.10 -10.34 0.05
N TYR B 14 -17.30 -9.68 -1.07
CA TYR B 14 -16.45 -9.87 -2.24
C TYR B 14 -16.71 -8.68 -3.14
N LEU B 15 -16.11 -7.54 -2.82
CA LEU B 15 -16.31 -6.33 -3.63
C LEU B 15 -15.32 -6.23 -4.79
N VAL B 16 -15.84 -5.88 -5.96
CA VAL B 16 -15.03 -5.76 -7.17
C VAL B 16 -15.25 -4.41 -7.84
N ALA B 17 -14.33 -4.06 -8.70
CA ALA B 17 -14.43 -2.78 -9.41
C ALA B 17 -14.20 -2.98 -10.90
N LEU B 18 -14.78 -2.08 -11.69
CA LEU B 18 -14.62 -2.07 -13.14
C LEU B 18 -14.26 -0.63 -13.49
N THR B 19 -13.06 -0.40 -14.02
CA THR B 19 -12.63 0.94 -14.38
C THR B 19 -12.51 1.15 -15.88
N GLY B 20 -12.63 2.41 -16.28
CA GLY B 20 -12.53 2.81 -17.68
C GLY B 20 -11.57 3.97 -17.84
N ALA B 21 -11.38 4.43 -19.09
CA ALA B 21 -10.45 5.52 -19.37
C ALA B 21 -10.67 6.77 -18.52
N GLY B 22 -11.90 7.00 -18.09
CA GLY B 22 -12.18 8.17 -17.28
C GLY B 22 -11.36 8.18 -16.01
N VAL B 23 -11.17 6.99 -15.43
CA VAL B 23 -10.41 6.83 -14.20
C VAL B 23 -8.95 7.24 -14.34
N SER B 24 -8.44 7.28 -15.56
CA SER B 24 -7.05 7.67 -15.77
C SER B 24 -6.86 9.07 -16.32
N ALA B 25 -7.96 9.73 -16.65
CA ALA B 25 -7.97 11.07 -17.22
C ALA B 25 -7.23 12.11 -16.40
N GLU B 26 -7.24 11.94 -15.08
CA GLU B 26 -6.58 12.89 -14.19
C GLU B 26 -5.11 12.60 -14.09
N SER B 27 -4.68 11.61 -14.86
CA SER B 27 -3.29 11.24 -14.89
C SER B 27 -2.74 11.80 -16.20
N GLY B 28 -3.61 12.50 -16.92
CA GLY B 28 -3.21 13.10 -18.18
C GLY B 28 -3.37 12.20 -19.41
N ILE B 29 -4.08 11.08 -19.23
CA ILE B 29 -4.34 10.16 -20.32
C ILE B 29 -5.73 10.46 -20.86
N PRO B 30 -5.81 10.78 -22.16
CA PRO B 30 -7.07 11.11 -22.80
C PRO B 30 -8.06 9.95 -22.82
N THR B 31 -9.34 10.26 -22.63
CA THR B 31 -10.36 9.21 -22.64
C THR B 31 -10.60 8.81 -24.09
N PHE B 32 -11.51 7.87 -24.28
CA PHE B 32 -11.82 7.36 -25.60
C PHE B 32 -12.93 8.11 -26.32
N ARG B 33 -13.83 8.75 -25.58
CA ARG B 33 -14.94 9.47 -26.16
C ARG B 33 -14.98 10.95 -25.80
N GLY B 34 -14.06 11.40 -24.98
CA GLY B 34 -14.06 12.81 -24.62
C GLY B 34 -13.40 13.67 -25.68
N LYS B 35 -13.56 14.97 -25.58
CA LYS B 35 -12.94 15.89 -26.53
C LYS B 35 -11.43 15.80 -26.42
N ASP B 36 -10.95 15.35 -25.25
CA ASP B 36 -9.51 15.20 -25.03
C ASP B 36 -8.96 14.02 -25.83
N GLY B 37 -9.84 13.35 -26.56
CA GLY B 37 -9.43 12.21 -27.36
C GLY B 37 -9.06 12.52 -28.80
N LEU B 38 -9.61 13.60 -29.34
CA LEU B 38 -9.32 13.98 -30.72
C LEU B 38 -7.82 14.05 -30.97
N TRP B 39 -7.34 13.16 -31.82
CA TRP B 39 -5.93 13.10 -32.15
C TRP B 39 -5.76 13.40 -33.64
N ASN B 40 -5.42 14.63 -33.99
CA ASN B 40 -5.27 15.01 -35.38
C ASN B 40 -6.64 15.03 -36.05
N ARG B 41 -7.65 15.40 -35.28
CA ARG B 41 -9.03 15.49 -35.76
C ARG B 41 -9.64 14.10 -35.89
N TYR B 42 -8.95 13.09 -35.40
CA TYR B 42 -9.46 11.72 -35.46
C TYR B 42 -10.07 11.35 -34.12
N ARG B 43 -11.15 10.56 -34.16
CA ARG B 43 -11.76 10.08 -32.93
C ARG B 43 -11.09 8.74 -32.72
N PRO B 44 -10.95 8.31 -31.46
CA PRO B 44 -10.29 7.02 -31.21
C PRO B 44 -10.93 5.86 -31.95
N GLU B 45 -12.26 5.90 -32.09
CA GLU B 45 -12.97 4.82 -32.75
C GLU B 45 -12.63 4.68 -34.23
N GLU B 46 -11.84 5.61 -34.76
CA GLU B 46 -11.45 5.58 -36.16
C GLU B 46 -10.06 5.00 -36.38
N LEU B 47 -9.32 4.79 -35.30
CA LEU B 47 -7.98 4.23 -35.43
C LEU B 47 -7.83 2.87 -34.77
N ALA B 48 -8.63 2.61 -33.75
CA ALA B 48 -8.58 1.34 -33.07
C ALA B 48 -9.41 0.33 -33.86
N ASN B 49 -9.35 0.46 -35.18
CA ASN B 49 -10.07 -0.41 -36.11
C ASN B 49 -9.10 -1.45 -36.64
N PRO B 50 -9.62 -2.62 -37.03
CA PRO B 50 -8.75 -3.66 -37.56
C PRO B 50 -8.53 -3.32 -39.04
N GLN B 51 -9.47 -2.54 -39.58
CA GLN B 51 -9.41 -2.10 -40.97
C GLN B 51 -8.45 -0.93 -41.09
N ALA B 52 -8.56 0.01 -40.16
CA ALA B 52 -7.70 1.19 -40.17
C ALA B 52 -6.22 0.79 -40.13
N PHE B 53 -5.92 -0.31 -39.45
CA PHE B 53 -4.54 -0.78 -39.35
C PHE B 53 -4.15 -1.35 -40.70
N ALA B 54 -5.16 -1.76 -41.46
CA ALA B 54 -4.96 -2.33 -42.79
C ALA B 54 -4.90 -1.20 -43.81
N LYS B 55 -5.85 -0.27 -43.73
CA LYS B 55 -5.90 0.85 -44.65
C LYS B 55 -4.58 1.62 -44.61
N ASP B 56 -4.02 1.80 -43.42
CA ASP B 56 -2.76 2.53 -43.25
C ASP B 56 -2.16 2.28 -41.89
N PRO B 57 -1.23 1.31 -41.80
CA PRO B 57 -0.57 0.96 -40.54
C PRO B 57 0.23 2.13 -39.97
N GLU B 58 0.80 2.93 -40.87
CA GLU B 58 1.61 4.07 -40.50
C GLU B 58 0.93 5.03 -39.53
N LYS B 59 -0.26 5.50 -39.91
CA LYS B 59 -1.02 6.43 -39.08
C LYS B 59 -1.42 5.87 -37.72
N VAL B 60 -1.98 4.66 -37.74
CA VAL B 60 -2.39 3.99 -36.51
C VAL B 60 -1.24 3.78 -35.54
N TRP B 61 -0.09 3.38 -36.05
CA TRP B 61 1.07 3.16 -35.19
C TRP B 61 1.59 4.47 -34.63
N LYS B 62 1.49 5.53 -35.40
CA LYS B 62 1.95 6.81 -34.90
C LYS B 62 1.08 7.14 -33.71
N TRP B 63 -0.21 6.86 -33.83
CA TRP B 63 -1.17 7.12 -32.76
C TRP B 63 -0.83 6.30 -31.53
N TYR B 64 -0.42 5.03 -31.73
CA TYR B 64 -0.09 4.16 -30.61
C TYR B 64 1.23 4.46 -29.96
N ALA B 65 2.23 4.79 -30.76
CA ALA B 65 3.54 5.12 -30.19
C ALA B 65 3.36 6.40 -29.38
N TRP B 66 2.50 7.29 -29.88
CA TRP B 66 2.21 8.55 -29.22
C TRP B 66 1.53 8.29 -27.90
N ARG B 67 0.55 7.39 -27.90
CA ARG B 67 -0.15 7.05 -26.68
C ARG B 67 0.84 6.36 -25.76
N MET B 68 1.61 5.41 -26.29
CA MET B 68 2.58 4.69 -25.48
C MET B 68 3.55 5.59 -24.72
N GLU B 69 4.23 6.50 -25.43
CA GLU B 69 5.17 7.41 -24.77
C GLU B 69 4.52 8.17 -23.61
N LYS B 70 3.24 8.52 -23.77
CA LYS B 70 2.48 9.24 -22.75
C LYS B 70 2.20 8.34 -21.53
N VAL B 71 1.63 7.16 -21.78
CA VAL B 71 1.33 6.23 -20.71
C VAL B 71 2.60 5.75 -20.01
N PHE B 72 3.68 5.62 -20.76
CA PHE B 72 4.95 5.17 -20.19
C PHE B 72 5.66 6.22 -19.34
N ASN B 73 5.19 7.46 -19.37
CA ASN B 73 5.82 8.52 -18.57
C ASN B 73 4.84 9.02 -17.51
N ALA B 74 3.56 8.79 -17.76
CA ALA B 74 2.50 9.20 -16.86
C ALA B 74 2.64 8.61 -15.47
N GLN B 75 2.08 9.30 -14.50
CA GLN B 75 2.11 8.89 -13.11
C GLN B 75 0.72 8.49 -12.65
N PRO B 76 0.60 7.41 -11.89
CA PRO B 76 -0.72 6.97 -11.42
C PRO B 76 -1.38 8.05 -10.56
N ASN B 77 -2.53 8.56 -10.96
CA ASN B 77 -3.21 9.60 -10.21
C ASN B 77 -3.89 9.07 -8.95
N LYS B 78 -4.46 9.96 -8.15
CA LYS B 78 -5.14 9.59 -6.90
C LYS B 78 -6.14 8.45 -7.03
N ALA B 79 -7.02 8.52 -8.01
CA ALA B 79 -7.99 7.47 -8.22
C ALA B 79 -7.31 6.12 -8.25
N HIS B 80 -6.26 5.98 -9.06
CA HIS B 80 -5.55 4.69 -9.13
C HIS B 80 -5.12 4.25 -7.73
N GLN B 81 -4.49 5.18 -7.03
CA GLN B 81 -3.99 4.98 -5.68
C GLN B 81 -5.07 4.45 -4.72
N ALA B 82 -6.24 5.09 -4.75
CA ALA B 82 -7.37 4.71 -3.91
C ALA B 82 -7.82 3.27 -4.13
N PHE B 83 -7.81 2.81 -5.38
CA PHE B 83 -8.21 1.43 -5.67
C PHE B 83 -7.14 0.48 -5.14
N ALA B 84 -5.89 0.90 -5.27
CA ALA B 84 -4.76 0.11 -4.81
C ALA B 84 -4.85 0.00 -3.30
N GLU B 85 -5.28 1.08 -2.67
CA GLU B 85 -5.42 1.12 -1.23
C GLU B 85 -6.56 0.20 -0.80
N LEU B 86 -7.72 0.37 -1.42
CA LEU B 86 -8.89 -0.45 -1.13
C LEU B 86 -8.61 -1.95 -1.24
N GLU B 87 -7.58 -2.32 -2.00
CA GLU B 87 -7.22 -3.73 -2.13
C GLU B 87 -6.28 -4.11 -0.99
N ARG B 88 -5.43 -3.18 -0.58
CA ARG B 88 -4.52 -3.44 0.52
C ARG B 88 -5.36 -3.72 1.77
N LEU B 89 -6.26 -2.78 2.10
CA LEU B 89 -7.15 -2.90 3.25
C LEU B 89 -8.00 -4.18 3.20
N GLY B 90 -7.91 -4.90 2.09
CA GLY B 90 -8.64 -6.16 1.95
C GLY B 90 -10.06 -6.13 1.45
N VAL B 91 -10.67 -4.95 1.36
CA VAL B 91 -12.06 -4.82 0.89
C VAL B 91 -12.21 -5.27 -0.57
N LEU B 92 -11.58 -4.55 -1.51
CA LEU B 92 -11.66 -4.89 -2.93
C LEU B 92 -10.87 -6.15 -3.23
N LYS B 93 -11.56 -7.16 -3.75
CA LYS B 93 -10.92 -8.42 -4.08
C LYS B 93 -10.31 -8.43 -5.49
N CYS B 94 -11.03 -7.89 -6.46
CA CYS B 94 -10.51 -7.85 -7.83
C CYS B 94 -10.88 -6.56 -8.57
N LEU B 95 -9.99 -6.15 -9.47
CA LEU B 95 -10.17 -4.95 -10.26
C LEU B 95 -10.18 -5.29 -11.75
N ILE B 96 -11.32 -5.06 -12.40
CA ILE B 96 -11.47 -5.33 -13.83
C ILE B 96 -11.30 -3.99 -14.55
N THR B 97 -10.36 -3.89 -15.49
CA THR B 97 -10.18 -2.64 -16.20
C THR B 97 -10.21 -2.78 -17.72
N GLN B 98 -10.67 -1.72 -18.38
CA GLN B 98 -10.75 -1.69 -19.82
C GLN B 98 -9.54 -0.90 -20.36
N ASN B 99 -8.87 -0.18 -19.46
CA ASN B 99 -7.72 0.62 -19.85
C ASN B 99 -6.57 -0.27 -20.27
N VAL B 100 -5.67 0.25 -21.10
CA VAL B 100 -4.53 -0.52 -21.55
C VAL B 100 -3.23 0.06 -21.00
N ASP B 101 -3.36 1.11 -20.20
CA ASP B 101 -2.20 1.72 -19.57
C ASP B 101 -1.98 0.87 -18.30
N GLY B 102 -0.75 0.87 -17.79
CA GLY B 102 -0.47 0.08 -16.61
C GLY B 102 -0.48 0.98 -15.39
N LEU B 103 -1.34 1.99 -15.44
CA LEU B 103 -1.46 2.93 -14.35
C LEU B 103 -2.02 2.33 -13.07
N HIS B 104 -2.72 1.20 -13.17
CA HIS B 104 -3.26 0.58 -11.95
C HIS B 104 -2.18 -0.17 -11.19
N GLU B 105 -1.40 -0.96 -11.93
CA GLU B 105 -0.31 -1.72 -11.35
C GLU B 105 0.71 -0.72 -10.78
N ARG B 106 0.87 0.41 -11.46
CA ARG B 106 1.80 1.44 -11.00
C ARG B 106 1.38 2.00 -9.64
N ALA B 107 0.12 1.77 -9.28
CA ALA B 107 -0.37 2.24 -7.99
C ALA B 107 -0.13 1.13 -6.96
N GLY B 108 0.07 -0.08 -7.45
CA GLY B 108 0.31 -1.19 -6.55
C GLY B 108 -0.64 -2.35 -6.72
N SER B 109 -1.82 -2.11 -7.30
CA SER B 109 -2.82 -3.16 -7.51
C SER B 109 -2.20 -4.50 -7.91
N ARG B 110 -2.69 -5.57 -7.30
CA ARG B 110 -2.21 -6.92 -7.53
C ARG B 110 -3.11 -7.67 -8.49
N ASN B 111 -4.33 -7.94 -8.02
CA ASN B 111 -5.31 -8.67 -8.79
C ASN B 111 -5.98 -7.75 -9.82
N VAL B 112 -5.49 -7.80 -11.06
CA VAL B 112 -6.04 -6.97 -12.12
C VAL B 112 -6.29 -7.77 -13.40
N ILE B 113 -7.50 -7.67 -13.94
CA ILE B 113 -7.87 -8.35 -15.17
C ILE B 113 -7.87 -7.30 -16.28
N HIS B 114 -7.05 -7.49 -17.32
CA HIS B 114 -7.04 -6.52 -18.42
C HIS B 114 -7.90 -7.00 -19.58
N LEU B 115 -9.18 -6.66 -19.53
CA LEU B 115 -10.15 -7.04 -20.55
C LEU B 115 -9.78 -6.69 -21.98
N HIS B 116 -9.12 -5.56 -22.15
CA HIS B 116 -8.77 -5.11 -23.49
C HIS B 116 -7.30 -5.10 -23.85
N GLY B 117 -6.48 -5.80 -23.09
CA GLY B 117 -5.06 -5.86 -23.40
C GLY B 117 -4.21 -4.78 -22.77
N SER B 118 -2.96 -4.72 -23.21
CA SER B 118 -2.02 -3.74 -22.70
C SER B 118 -1.18 -3.13 -23.83
N LEU B 119 -0.70 -1.91 -23.59
CA LEU B 119 0.13 -1.21 -24.56
C LEU B 119 1.55 -1.74 -24.46
N ARG B 120 1.88 -2.34 -23.32
CA ARG B 120 3.21 -2.91 -23.11
C ARG B 120 3.35 -4.14 -23.99
N VAL B 121 2.23 -4.60 -24.52
CA VAL B 121 2.21 -5.78 -25.37
C VAL B 121 2.25 -5.44 -26.87
N VAL B 122 3.08 -6.16 -27.60
CA VAL B 122 3.21 -5.99 -29.05
C VAL B 122 3.31 -7.39 -29.61
N ARG B 123 2.25 -7.88 -30.25
CA ARG B 123 2.28 -9.22 -30.81
C ARG B 123 2.40 -9.18 -32.33
N CYS B 124 2.40 -10.34 -32.98
CA CYS B 124 2.56 -10.39 -34.42
C CYS B 124 1.28 -10.50 -35.22
N THR B 125 1.33 -9.95 -36.44
CA THR B 125 0.21 -9.97 -37.37
C THR B 125 0.36 -11.21 -38.25
N SER B 126 1.49 -11.90 -38.09
CA SER B 126 1.80 -13.12 -38.87
C SER B 126 1.97 -14.39 -38.02
N CYS B 127 3.01 -14.44 -37.18
CA CYS B 127 3.25 -15.63 -36.36
C CYS B 127 2.52 -15.62 -35.03
N ASN B 128 3.13 -16.23 -34.02
CA ASN B 128 2.52 -16.30 -32.69
C ASN B 128 3.37 -15.61 -31.63
N ASN B 129 4.35 -14.84 -32.07
CA ASN B 129 5.25 -14.13 -31.15
C ASN B 129 4.57 -12.91 -30.50
N SER B 130 5.06 -12.57 -29.31
CA SER B 130 4.57 -11.43 -28.54
C SER B 130 5.56 -11.11 -27.43
N PHE B 131 5.75 -9.81 -27.17
CA PHE B 131 6.70 -9.38 -26.14
C PHE B 131 6.28 -8.08 -25.46
N GLU B 132 6.90 -7.79 -24.32
CA GLU B 132 6.62 -6.56 -23.60
C GLU B 132 7.76 -5.60 -23.84
N VAL B 133 7.43 -4.33 -24.05
CA VAL B 133 8.46 -3.33 -24.28
C VAL B 133 8.49 -2.28 -23.18
N GLU B 134 9.58 -1.53 -23.11
CA GLU B 134 9.70 -0.51 -22.07
C GLU B 134 9.52 0.92 -22.61
N SER B 135 9.86 1.11 -23.87
CA SER B 135 9.75 2.44 -24.49
C SER B 135 8.87 2.41 -25.73
N ALA B 136 8.44 3.61 -26.13
CA ALA B 136 7.59 3.78 -27.31
C ALA B 136 8.48 3.71 -28.55
N PRO B 137 8.08 2.91 -29.55
CA PRO B 137 8.91 2.84 -30.74
C PRO B 137 8.74 4.01 -31.71
N LYS B 138 9.85 4.68 -32.01
CA LYS B 138 9.85 5.80 -32.96
C LYS B 138 9.16 5.16 -34.17
N ILE B 139 7.93 5.62 -34.44
CA ILE B 139 7.13 5.04 -35.49
C ILE B 139 7.40 5.27 -36.99
N PRO B 140 8.00 6.40 -37.37
CA PRO B 140 8.24 6.59 -38.82
C PRO B 140 8.49 5.25 -39.54
N PRO B 141 9.33 4.38 -38.96
CA PRO B 141 9.59 3.08 -39.61
C PRO B 141 8.62 2.02 -39.02
N LEU B 142 7.78 1.43 -39.87
CA LEU B 142 6.80 0.43 -39.42
C LEU B 142 7.43 -0.80 -38.74
N PRO B 143 6.97 -1.12 -37.52
CA PRO B 143 7.45 -2.25 -36.71
C PRO B 143 7.34 -3.63 -37.38
N LYS B 144 8.45 -4.36 -37.40
CA LYS B 144 8.49 -5.69 -38.01
C LYS B 144 8.82 -6.77 -36.96
N CYS B 145 8.46 -8.01 -37.28
CA CYS B 145 8.67 -9.16 -36.38
C CYS B 145 10.05 -9.78 -36.29
N ASP B 146 10.55 -9.90 -35.06
CA ASP B 146 11.85 -10.49 -34.79
C ASP B 146 11.77 -12.01 -34.74
N LYS B 147 11.35 -12.59 -35.86
CA LYS B 147 11.22 -14.04 -36.01
C LYS B 147 10.81 -14.38 -37.45
N CYS B 148 9.51 -14.50 -37.68
CA CYS B 148 8.96 -14.80 -39.01
C CYS B 148 9.06 -13.59 -39.93
N GLY B 149 9.45 -12.45 -39.36
CA GLY B 149 9.57 -11.23 -40.15
C GLY B 149 8.24 -10.85 -40.78
N SER B 150 7.53 -9.94 -40.12
CA SER B 150 6.24 -9.47 -40.61
C SER B 150 5.77 -8.27 -39.79
N LEU B 151 4.55 -7.83 -40.02
CA LEU B 151 4.00 -6.66 -39.32
C LEU B 151 3.58 -6.93 -37.89
N LEU B 152 3.97 -6.02 -36.99
CA LEU B 152 3.63 -6.10 -35.58
C LEU B 152 2.51 -5.12 -35.22
N ARG B 153 1.74 -5.42 -34.18
CA ARG B 153 0.64 -4.55 -33.76
C ARG B 153 0.49 -4.45 -32.25
N PRO B 154 -0.28 -3.45 -31.77
CA PRO B 154 -0.49 -3.24 -30.35
C PRO B 154 -1.21 -4.45 -29.74
N GLY B 155 -0.68 -4.97 -28.64
CA GLY B 155 -1.30 -6.12 -28.01
C GLY B 155 -2.55 -5.76 -27.26
N VAL B 156 -3.41 -4.96 -27.89
CA VAL B 156 -4.66 -4.52 -27.27
C VAL B 156 -5.83 -4.97 -28.13
N VAL B 157 -7.03 -4.91 -27.57
CA VAL B 157 -8.21 -5.32 -28.29
C VAL B 157 -8.86 -4.18 -29.05
N TRP B 158 -9.14 -4.40 -30.33
CA TRP B 158 -9.78 -3.40 -31.16
C TRP B 158 -11.25 -3.77 -31.32
N ALA B 159 -12.03 -2.87 -31.90
CA ALA B 159 -13.44 -3.15 -32.11
C ALA B 159 -13.57 -4.35 -33.05
N GLY B 160 -14.69 -5.05 -32.94
CA GLY B 160 -14.91 -6.21 -33.79
C GLY B 160 -14.03 -7.40 -33.47
N GLU B 161 -12.93 -7.17 -32.76
CA GLU B 161 -12.06 -8.28 -32.42
C GLU B 161 -12.66 -9.00 -31.23
N MET B 162 -11.90 -9.91 -30.66
CA MET B 162 -12.39 -10.62 -29.50
C MET B 162 -11.31 -10.61 -28.43
N LEU B 163 -11.72 -10.24 -27.23
CA LEU B 163 -10.81 -10.19 -26.10
C LEU B 163 -10.34 -11.58 -25.71
N PRO B 164 -9.17 -11.67 -25.08
CA PRO B 164 -8.64 -12.97 -24.66
C PRO B 164 -9.71 -13.84 -23.98
N PRO B 165 -9.91 -15.07 -24.46
CA PRO B 165 -10.92 -15.99 -23.90
C PRO B 165 -10.89 -16.04 -22.39
N ASP B 166 -9.82 -16.64 -21.86
CA ASP B 166 -9.62 -16.78 -20.43
C ASP B 166 -9.98 -15.53 -19.63
N VAL B 167 -9.54 -14.36 -20.10
CA VAL B 167 -9.80 -13.10 -19.42
C VAL B 167 -11.28 -12.80 -19.16
N LEU B 168 -12.10 -12.74 -20.19
CA LEU B 168 -13.53 -12.47 -19.98
C LEU B 168 -14.15 -13.45 -18.98
N ASP B 169 -13.80 -14.72 -19.09
CA ASP B 169 -14.34 -15.73 -18.17
C ASP B 169 -13.95 -15.43 -16.72
N ALA B 170 -12.69 -15.09 -16.49
CA ALA B 170 -12.23 -14.77 -15.14
C ALA B 170 -13.04 -13.61 -14.59
N ALA B 171 -13.40 -12.68 -15.46
CA ALA B 171 -14.19 -11.52 -15.09
C ALA B 171 -15.61 -11.98 -14.86
N MET B 172 -16.13 -12.78 -15.77
CA MET B 172 -17.48 -13.31 -15.64
C MET B 172 -17.61 -13.99 -14.28
N ARG B 173 -16.50 -14.51 -13.79
CA ARG B 173 -16.45 -15.19 -12.50
C ARG B 173 -16.54 -14.18 -11.34
N GLU B 174 -15.64 -13.19 -11.34
CA GLU B 174 -15.59 -12.17 -10.31
C GLU B 174 -16.97 -11.55 -10.01
N VAL B 175 -17.63 -11.06 -11.05
CA VAL B 175 -18.94 -10.42 -10.91
C VAL B 175 -20.07 -11.42 -10.64
N GLU B 176 -19.77 -12.69 -10.84
CA GLU B 176 -20.75 -13.74 -10.62
C GLU B 176 -20.64 -14.22 -9.17
N ARG B 177 -19.65 -13.68 -8.47
CA ARG B 177 -19.37 -14.01 -7.08
C ARG B 177 -19.42 -12.75 -6.23
N ALA B 178 -19.35 -11.60 -6.89
CA ALA B 178 -19.37 -10.33 -6.19
C ALA B 178 -20.75 -10.00 -5.63
N ASP B 179 -20.74 -9.22 -4.56
CA ASP B 179 -21.97 -8.77 -3.92
C ASP B 179 -22.08 -7.26 -4.12
N VAL B 180 -20.95 -6.61 -4.33
CA VAL B 180 -20.91 -5.18 -4.54
C VAL B 180 -19.87 -4.81 -5.59
N ILE B 181 -20.23 -3.91 -6.52
CA ILE B 181 -19.29 -3.48 -7.53
C ILE B 181 -19.23 -1.96 -7.73
N ILE B 182 -18.01 -1.47 -7.87
CA ILE B 182 -17.74 -0.06 -8.10
C ILE B 182 -17.39 0.06 -9.58
N VAL B 183 -18.21 0.81 -10.32
CA VAL B 183 -18.01 1.05 -11.74
C VAL B 183 -17.55 2.50 -11.87
N ALA B 184 -16.29 2.69 -12.22
CA ALA B 184 -15.75 4.05 -12.29
C ALA B 184 -15.10 4.43 -13.60
N GLY B 185 -15.38 5.65 -14.04
CA GLY B 185 -14.79 6.19 -15.27
C GLY B 185 -15.10 5.50 -16.58
N THR B 186 -16.23 4.82 -16.67
CA THR B 186 -16.58 4.15 -17.91
C THR B 186 -17.90 4.73 -18.44
N SER B 187 -18.08 4.73 -19.75
CA SER B 187 -19.27 5.30 -20.38
C SER B 187 -20.50 4.42 -20.37
N ALA B 188 -20.34 3.15 -20.03
CA ALA B 188 -21.45 2.20 -19.99
C ALA B 188 -22.08 2.00 -21.37
N VAL B 189 -21.25 1.61 -22.34
CA VAL B 189 -21.67 1.36 -23.72
C VAL B 189 -20.93 0.16 -24.32
N VAL B 190 -19.63 0.31 -24.55
CA VAL B 190 -18.86 -0.78 -25.11
C VAL B 190 -19.03 -2.12 -24.37
N GLN B 191 -19.37 -3.15 -25.14
CA GLN B 191 -19.57 -4.52 -24.65
C GLN B 191 -18.35 -5.37 -24.97
N PRO B 192 -18.19 -6.51 -24.29
CA PRO B 192 -19.07 -7.03 -23.24
C PRO B 192 -18.77 -6.56 -21.81
N ALA B 193 -18.09 -5.42 -21.65
CA ALA B 193 -17.79 -4.93 -20.31
C ALA B 193 -19.05 -4.34 -19.67
N ALA B 194 -19.69 -3.40 -20.36
CA ALA B 194 -20.89 -2.76 -19.83
C ALA B 194 -21.87 -3.75 -19.21
N SER B 195 -21.93 -4.96 -19.75
CA SER B 195 -22.84 -5.99 -19.24
C SER B 195 -22.40 -6.62 -17.90
N LEU B 196 -21.11 -6.52 -17.59
CA LEU B 196 -20.58 -7.07 -16.35
C LEU B 196 -21.27 -6.57 -15.08
N PRO B 197 -21.36 -5.25 -14.90
CA PRO B 197 -22.03 -4.79 -13.68
C PRO B 197 -23.49 -5.23 -13.62
N LEU B 198 -24.16 -5.20 -14.76
CA LEU B 198 -25.57 -5.61 -14.83
C LEU B 198 -25.75 -7.01 -14.27
N ILE B 199 -24.68 -7.79 -14.30
CA ILE B 199 -24.72 -9.14 -13.80
C ILE B 199 -24.94 -9.11 -12.31
N VAL B 200 -24.07 -8.37 -11.63
CA VAL B 200 -24.16 -8.24 -10.18
C VAL B 200 -25.56 -7.78 -9.82
N LYS B 201 -26.00 -6.69 -10.43
CA LYS B 201 -27.32 -6.15 -10.16
C LYS B 201 -28.39 -7.22 -10.29
N GLN B 202 -28.20 -8.14 -11.24
CA GLN B 202 -29.18 -9.21 -11.44
C GLN B 202 -29.19 -10.19 -10.28
N ARG B 203 -28.00 -10.59 -9.83
CA ARG B 203 -27.88 -11.52 -8.71
C ARG B 203 -28.19 -10.84 -7.38
N GLY B 204 -28.66 -9.60 -7.42
CA GLY B 204 -28.98 -8.90 -6.20
C GLY B 204 -27.88 -7.99 -5.67
N GLY B 205 -26.61 -8.29 -5.99
CA GLY B 205 -25.51 -7.46 -5.52
C GLY B 205 -25.72 -5.96 -5.75
N ALA B 206 -24.89 -5.13 -5.15
CA ALA B 206 -25.06 -3.68 -5.30
C ALA B 206 -24.06 -2.95 -6.21
N ILE B 207 -24.55 -1.93 -6.92
CA ILE B 207 -23.74 -1.14 -7.83
C ILE B 207 -23.49 0.31 -7.36
N ILE B 208 -22.24 0.73 -7.46
CA ILE B 208 -21.82 2.08 -7.07
C ILE B 208 -21.14 2.67 -8.30
N GLU B 209 -21.72 3.71 -8.87
CA GLU B 209 -21.11 4.30 -10.05
C GLU B 209 -20.48 5.66 -9.78
N ILE B 210 -19.25 5.81 -10.24
CA ILE B 210 -18.51 7.04 -10.07
C ILE B 210 -18.26 7.64 -11.44
N ASN B 211 -18.93 8.76 -11.74
CA ASN B 211 -18.78 9.41 -13.03
C ASN B 211 -19.32 10.84 -13.07
N PRO B 212 -18.52 11.79 -13.56
CA PRO B 212 -19.02 13.16 -13.61
C PRO B 212 -20.32 13.25 -14.44
N ASP B 213 -20.44 12.41 -15.46
CA ASP B 213 -21.62 12.42 -16.29
C ASP B 213 -22.59 11.33 -15.97
N GLU B 214 -23.83 11.53 -16.39
CA GLU B 214 -24.87 10.55 -16.20
C GLU B 214 -24.68 9.57 -17.36
N THR B 215 -24.79 8.27 -17.06
CA THR B 215 -24.61 7.25 -18.09
C THR B 215 -25.76 6.28 -18.06
N PRO B 216 -25.96 5.53 -19.14
CA PRO B 216 -27.06 4.55 -19.16
C PRO B 216 -26.99 3.53 -18.03
N LEU B 217 -25.92 3.57 -17.23
CA LEU B 217 -25.81 2.65 -16.10
C LEU B 217 -26.38 3.36 -14.86
N THR B 218 -26.16 4.67 -14.79
CA THR B 218 -26.64 5.50 -13.69
C THR B 218 -28.04 5.10 -13.24
N PRO B 219 -29.03 5.18 -14.16
CA PRO B 219 -30.42 4.84 -13.84
C PRO B 219 -30.65 3.55 -13.08
N ILE B 220 -29.62 2.73 -12.89
CA ILE B 220 -29.85 1.49 -12.17
C ILE B 220 -28.87 1.20 -11.03
N ALA B 221 -27.78 1.96 -10.97
CA ALA B 221 -26.80 1.76 -9.91
C ALA B 221 -27.40 2.14 -8.56
N ASP B 222 -27.08 1.36 -7.53
CA ASP B 222 -27.61 1.64 -6.21
C ASP B 222 -27.26 3.07 -5.78
N TYR B 223 -26.00 3.45 -5.93
CA TYR B 223 -25.56 4.81 -5.57
C TYR B 223 -24.86 5.43 -6.78
N SER B 224 -24.83 6.75 -6.87
CA SER B 224 -24.19 7.40 -8.01
C SER B 224 -23.41 8.69 -7.73
N LEU B 225 -22.10 8.57 -7.55
CA LEU B 225 -21.23 9.71 -7.25
C LEU B 225 -20.86 10.60 -8.45
N ARG B 226 -21.31 11.85 -8.42
CA ARG B 226 -21.02 12.81 -9.50
C ARG B 226 -19.72 13.58 -9.32
N GLY B 227 -18.62 13.02 -9.80
CA GLY B 227 -17.36 13.74 -9.66
C GLY B 227 -16.23 13.01 -10.36
N LYS B 228 -15.01 13.52 -10.20
CA LYS B 228 -13.86 12.89 -10.80
C LYS B 228 -13.43 11.76 -9.87
N ALA B 229 -13.07 10.62 -10.45
CA ALA B 229 -12.64 9.45 -9.69
C ALA B 229 -11.53 9.78 -8.72
N GLY B 230 -10.75 10.79 -9.05
CA GLY B 230 -9.65 11.18 -8.20
C GLY B 230 -10.14 11.55 -6.82
N GLU B 231 -11.01 12.54 -6.77
CA GLU B 231 -11.55 13.01 -5.49
C GLU B 231 -12.39 11.91 -4.87
N VAL B 232 -13.56 11.66 -5.45
CA VAL B 232 -14.49 10.65 -4.93
C VAL B 232 -13.83 9.41 -4.36
N MET B 233 -13.02 8.72 -5.16
CA MET B 233 -12.35 7.50 -4.69
C MET B 233 -11.46 7.74 -3.48
N ASP B 234 -10.73 8.84 -3.49
CA ASP B 234 -9.84 9.17 -2.39
C ASP B 234 -10.60 9.48 -1.10
N GLU B 235 -11.52 10.43 -1.18
CA GLU B 235 -12.32 10.80 -0.03
C GLU B 235 -13.11 9.59 0.42
N LEU B 236 -13.46 8.73 -0.53
CA LEU B 236 -14.23 7.52 -0.22
C LEU B 236 -13.40 6.54 0.60
N VAL B 237 -12.27 6.12 0.08
CA VAL B 237 -11.42 5.17 0.79
C VAL B 237 -11.01 5.70 2.15
N ARG B 238 -10.93 7.03 2.28
CA ARG B 238 -10.54 7.64 3.54
C ARG B 238 -11.59 7.31 4.63
N HIS B 239 -12.87 7.37 4.27
CA HIS B 239 -13.96 7.06 5.20
C HIS B 239 -14.10 5.55 5.35
N VAL B 240 -13.59 4.81 4.36
CA VAL B 240 -13.68 3.36 4.41
C VAL B 240 -12.69 2.81 5.43
N ARG B 241 -11.50 3.39 5.49
CA ARG B 241 -10.51 2.91 6.44
C ARG B 241 -11.01 3.14 7.87
N LYS B 242 -11.85 4.18 8.04
CA LYS B 242 -12.42 4.54 9.33
C LYS B 242 -13.54 3.58 9.70
N ALA B 243 -14.44 3.35 8.75
CA ALA B 243 -15.55 2.44 8.98
C ALA B 243 -15.01 1.01 9.22
N LEU B 244 -13.85 0.72 8.65
CA LEU B 244 -13.21 -0.59 8.76
C LEU B 244 -12.82 -0.94 10.18
N SER B 245 -12.87 0.05 11.05
CA SER B 245 -12.54 -0.12 12.46
C SER B 245 -13.82 -0.28 13.28
N LEU B 246 -14.38 -1.50 13.27
CA LEU B 246 -15.61 -1.83 13.99
C LEU B 246 -15.94 -3.33 13.92
N LYS B 247 -16.21 -3.91 15.09
CA LYS B 247 -16.61 -5.32 15.30
C LYS B 247 -15.59 -6.45 15.32
N LEU B 248 -15.58 -7.18 16.45
CA LEU B 248 -14.68 -8.31 16.72
C LEU B 248 -13.25 -7.82 16.82
N ASN B 249 -12.82 -7.08 15.80
CA ASN B 249 -11.49 -6.50 15.71
C ASN B 249 -11.58 -5.00 15.39
ZN ZN C . 18.23 -24.96 25.27
ZN ZN D . 5.98 -12.98 -36.35
PA OAD E . 7.74 4.63 25.74
O1A OAD E . 6.66 4.04 26.63
O2A OAD E . 8.98 4.93 26.64
O5' OAD E . 7.29 6.03 25.05
C5' OAD E . 6.23 6.07 24.21
C4' OAD E . 6.04 7.46 23.72
O4' OAD E . 5.00 7.46 22.92
C3' OAD E . 5.78 8.45 24.74
O3' OAD E . 6.86 9.32 24.68
C2' OAD E . 4.44 9.03 24.42
O2' OAD E . 4.14 10.35 24.65
C1' OAD E . 4.26 8.57 23.05
N9 OAD E . 2.97 8.16 22.72
C8 OAD E . 1.83 7.61 23.43
N7 OAD E . 0.78 7.39 22.66
C5 OAD E . 1.11 7.76 21.46
C6 OAD E . 0.37 7.78 20.19
N6 OAD E . -0.93 7.32 20.09
N1 OAD E . 1.07 8.27 19.01
C2 OAD E . 2.45 8.75 19.07
N3 OAD E . 3.11 8.73 20.33
C4 OAD E . 2.45 8.24 21.49
O3A OAD E . 8.09 3.61 24.57
PB OAD E . 9.50 3.67 23.82
O1B OAD E . 10.02 5.11 23.56
O2B OAD E . 9.55 3.07 22.37
O2D OAD E . 12.15 -2.12 25.50
O5D OAD E . 10.45 2.82 24.85
C5D OAD E . 11.73 2.63 24.57
C4D OAD E . 12.25 1.25 24.87
O4D OAD E . 12.61 1.01 26.15
C3D OAD E . 11.33 0.06 24.56
O3D OAD E . 11.70 -0.50 23.43
C2D OAD E . 11.57 -0.86 25.68
C1D OAD E . 12.10 -0.06 26.63
O1D OAD E . 13.21 -0.60 27.31
C6D OAD E . 11.70 -3.32 26.02
O6D OAD E . 10.60 -4.00 25.64
C7D OAD E . 12.52 -3.93 27.15
PA OAD F . -14.93 6.41 -22.45
O1A OAD F . -14.29 7.50 -23.31
O2A OAD F . -16.03 5.72 -23.31
O5' OAD F . -15.66 7.00 -21.12
C5' OAD F . -14.95 7.66 -20.19
C4' OAD F . -15.83 8.08 -19.06
O4' OAD F . -15.07 8.71 -18.20
C3' OAD F . -16.88 9.03 -19.40
O3' OAD F . -18.08 8.38 -19.09
C2' OAD F . -16.60 10.25 -18.63
O2' OAD F . -17.61 11.05 -18.19
C1' OAD F . -15.73 9.71 -17.61
N9 OAD F . -14.75 10.58 -17.12
C8 OAD F . -13.96 11.66 -17.64
N7 OAD F . -13.13 12.20 -16.75
C5 OAD F . -13.30 11.55 -15.63
C6 OAD F . -12.68 11.67 -14.27
N6 OAD F . -11.71 12.60 -13.96
N1 OAD F . -13.14 10.74 -13.25
C2 OAD F . -14.16 9.74 -13.52
N3 OAD F . -14.71 9.67 -14.82
C4 OAD F . -14.29 10.56 -15.85
O3A OAD F . -13.85 5.36 -21.98
PB OAD F . -14.31 3.87 -21.58
O1B OAD F . -15.74 3.79 -20.92
O2B OAD F . -13.45 3.13 -20.51
O2D OAD F . -11.01 0.04 -25.96
O5D OAD F . -14.23 3.15 -23.03
C5D OAD F . -14.53 1.86 -23.16
C4D OAD F . -13.65 1.11 -24.13
O4D OAD F . -13.90 1.22 -25.45
C3D OAD F . -12.12 1.33 -24.08
O3D OAD F . -11.62 0.36 -23.32
C2D OAD F . -11.74 1.14 -25.51
C1D OAD F . -12.87 1.43 -26.17
O1D OAD F . -13.13 0.58 -27.24
C6D OAD F . -9.86 -0.02 -26.75
O6D OAD F . -8.60 -0.26 -26.32
C7D OAD F . -10.04 0.14 -28.27
#